data_5QHA
#
_entry.id   5QHA
#
_cell.length_a   123.800
_cell.length_b   123.800
_cell.length_c   41.060
_cell.angle_alpha   90.000
_cell.angle_beta   90.000
_cell.angle_gamma   120.000
#
_symmetry.space_group_name_H-M   'P 3 2 1'
#
loop_
_entity.id
_entity.type
_entity.pdbx_description
1 polymer 'Peroxisomal coenzyme A diphosphatase NUDT7'
2 non-polymer 'ACETATE ION'
3 non-polymer N-[1-(2,3-dihydro-1,4-benzodioxin-6-yl)cyclopentyl]acetamide
4 water water
#
_entity_poly.entity_id   1
_entity_poly.type   'polypeptide(L)'
_entity_poly.pdbx_seq_one_letter_code
;SMLDDAKARLRKYDIGGKYSHLPYNKYSVLLPLVAKEGKLHLLFTVRSEKLRRAPGEVCFPGGKRDPTDMDDAATALREA
QEEVGLR(HYP)HQVEVV(CSO)CLVPCLIDTDTLITPFVGLIDHNFQAQPNPAEVKDVFLVPLAYFLHPQVHDQHYVTR
LGHRFINHIFEYTNPEDGVTYQIKGMTANLAVLVAFIILEKKPT
;
_entity_poly.pdbx_strand_id   A
#
# COMPACT_ATOMS: atom_id res chain seq x y z
N SER A 1 -8.37 17.82 12.17
CA SER A 1 -8.64 17.66 10.72
C SER A 1 -8.66 16.15 10.39
N MET A 2 -9.20 15.78 9.23
CA MET A 2 -9.23 14.40 8.77
C MET A 2 -7.78 13.85 8.72
N LEU A 3 -6.89 14.63 8.14
CA LEU A 3 -5.51 14.13 7.98
C LEU A 3 -4.72 14.06 9.30
N ASP A 4 -4.90 15.05 10.16
CA ASP A 4 -4.21 15.07 11.46
C ASP A 4 -4.69 13.90 12.29
N ASP A 5 -5.99 13.63 12.20
CA ASP A 5 -6.58 12.49 12.87
C ASP A 5 -6.01 11.15 12.36
N ALA A 6 -5.97 10.99 11.04
CA ALA A 6 -5.42 9.77 10.46
C ALA A 6 -3.97 9.57 10.87
N LYS A 7 -3.17 10.63 10.83
CA LYS A 7 -1.77 10.48 11.22
C LYS A 7 -1.61 10.15 12.69
N ALA A 8 -2.39 10.81 13.56
CA ALA A 8 -2.39 10.50 14.98
C ALA A 8 -2.74 9.02 15.25
N ARG A 9 -3.73 8.49 14.52
CA ARG A 9 -4.12 7.08 14.67
C ARG A 9 -2.97 6.17 14.23
N LEU A 10 -2.42 6.48 13.05
CA LEU A 10 -1.36 5.65 12.47
C LEU A 10 -0.14 5.55 13.35
N ARG A 11 0.23 6.67 13.97
CA ARG A 11 1.42 6.67 14.82
C ARG A 11 1.33 5.74 16.04
N LYS A 12 0.10 5.43 16.49
CA LYS A 12 -0.03 4.52 17.60
C LYS A 12 0.33 3.07 17.24
N TYR A 13 0.49 2.74 15.95
CA TYR A 13 0.69 1.39 15.52
C TYR A 13 2.08 1.24 14.92
N ASP A 14 2.84 2.31 14.98
CA ASP A 14 4.20 2.39 14.35
C ASP A 14 5.08 1.43 15.13
N ILE A 15 5.72 0.51 14.46
CA ILE A 15 6.68 -0.36 15.12
C ILE A 15 8.06 0.24 14.98
N GLY A 16 8.18 1.25 14.10
CA GLY A 16 9.46 1.88 13.72
C GLY A 16 10.47 0.87 13.16
N GLY A 17 11.75 1.04 13.55
CA GLY A 17 12.85 0.21 13.09
C GLY A 17 13.09 -1.06 13.85
N LYS A 18 12.14 -1.41 14.72
CA LYS A 18 12.28 -2.53 15.61
C LYS A 18 12.75 -3.85 14.88
N TYR A 19 12.19 -4.16 13.72
CA TYR A 19 12.50 -5.41 12.99
C TYR A 19 13.45 -5.26 11.76
N SER A 20 13.94 -4.04 11.58
CA SER A 20 14.57 -3.65 10.33
C SER A 20 15.97 -4.24 10.09
N HIS A 21 16.67 -4.68 11.14
N HIS A 21 16.65 -4.64 11.17
CA HIS A 21 18.08 -5.17 10.95
CA HIS A 21 18.04 -5.15 11.10
C HIS A 21 18.13 -6.69 10.77
C HIS A 21 18.15 -6.68 11.07
N LEU A 22 17.01 -7.38 11.03
CA LEU A 22 17.00 -8.82 10.99
C LEU A 22 17.45 -9.32 9.63
N PRO A 23 18.18 -10.46 9.59
CA PRO A 23 18.89 -10.86 8.33
C PRO A 23 18.02 -11.58 7.27
N TYR A 24 17.01 -10.88 6.76
CA TYR A 24 16.11 -11.43 5.77
C TYR A 24 16.39 -10.95 4.38
N ASN A 25 15.78 -11.61 3.39
CA ASN A 25 15.59 -11.00 2.07
C ASN A 25 14.55 -9.92 2.25
N LYS A 26 14.92 -8.68 2.04
CA LYS A 26 14.10 -7.52 2.43
C LYS A 26 13.41 -6.81 1.31
N TYR A 27 12.09 -6.63 1.49
CA TYR A 27 11.25 -5.85 0.57
C TYR A 27 10.49 -4.81 1.37
N SER A 28 10.18 -3.69 0.74
CA SER A 28 9.29 -2.65 1.34
C SER A 28 8.13 -2.33 0.44
N VAL A 29 6.95 -2.02 1.06
CA VAL A 29 5.85 -1.47 0.29
C VAL A 29 5.37 -0.14 0.88
N LEU A 30 4.83 0.71 0.00
CA LEU A 30 4.27 1.96 0.37
C LEU A 30 2.70 1.77 0.30
N LEU A 31 2.03 2.09 1.40
CA LEU A 31 0.53 2.09 1.44
C LEU A 31 0.14 3.56 1.29
N PRO A 32 -0.15 4.00 0.06
CA PRO A 32 -0.28 5.43 -0.20
C PRO A 32 -1.76 5.86 0.06
N LEU A 33 -1.90 6.76 1.01
CA LEU A 33 -3.22 7.38 1.33
C LEU A 33 -3.41 8.70 0.60
N VAL A 34 -4.50 8.75 -0.15
CA VAL A 34 -4.86 9.84 -0.99
C VAL A 34 -6.24 10.32 -0.55
N ALA A 35 -6.36 11.62 -0.31
CA ALA A 35 -7.67 12.28 0.05
C ALA A 35 -8.31 12.82 -1.19
N LYS A 36 -9.54 12.38 -1.51
CA LYS A 36 -10.32 12.90 -2.65
C LYS A 36 -11.77 12.98 -2.16
N GLU A 37 -12.49 14.01 -2.58
CA GLU A 37 -13.92 14.21 -2.25
C GLU A 37 -14.20 14.01 -0.78
N GLY A 38 -13.31 14.52 0.03
CA GLY A 38 -13.40 14.47 1.47
C GLY A 38 -13.23 13.14 2.15
N LYS A 39 -12.71 12.12 1.49
CA LYS A 39 -12.52 10.79 2.09
C LYS A 39 -11.10 10.28 1.71
N LEU A 40 -10.58 9.37 2.51
CA LEU A 40 -9.32 8.71 2.25
C LEU A 40 -9.48 7.52 1.33
N HIS A 41 -8.47 7.33 0.49
CA HIS A 41 -8.41 6.24 -0.43
C HIS A 41 -6.99 5.65 -0.35
N LEU A 42 -6.87 4.40 -0.75
CA LEU A 42 -5.55 3.76 -0.94
C LEU A 42 -5.29 3.62 -2.42
N LEU A 43 -4.01 3.81 -2.79
CA LEU A 43 -3.56 3.67 -4.17
C LEU A 43 -2.90 2.30 -4.33
N PHE A 44 -3.31 1.60 -5.38
CA PHE A 44 -2.89 0.25 -5.71
C PHE A 44 -2.31 0.25 -7.13
N THR A 45 -1.47 -0.72 -7.39
CA THR A 45 -1.00 -1.01 -8.75
C THR A 45 -1.53 -2.37 -9.18
N VAL A 46 -1.59 -2.56 -10.50
CA VAL A 46 -1.64 -3.86 -11.10
C VAL A 46 -0.29 -4.05 -11.78
N ARG A 47 0.43 -5.09 -11.35
CA ARG A 47 1.78 -5.36 -11.83
C ARG A 47 1.79 -5.87 -13.24
N SER A 48 2.79 -5.48 -13.99
CA SER A 48 2.94 -5.97 -15.33
C SER A 48 3.08 -7.50 -15.33
N GLU A 49 2.57 -8.10 -16.38
CA GLU A 49 2.80 -9.54 -16.62
C GLU A 49 4.28 -9.88 -16.82
N LYS A 50 5.08 -8.90 -17.23
CA LYS A 50 6.50 -9.11 -17.55
C LYS A 50 7.42 -9.42 -16.36
N LEU A 51 6.91 -9.10 -15.17
CA LEU A 51 7.66 -9.16 -13.89
C LEU A 51 7.91 -10.59 -13.44
N ARG A 52 8.87 -10.75 -12.53
CA ARG A 52 9.24 -12.07 -11.99
C ARG A 52 8.39 -12.32 -10.76
N ARG A 53 8.29 -11.28 -9.94
CA ARG A 53 7.55 -11.26 -8.66
C ARG A 53 6.12 -10.76 -8.90
N ALA A 54 5.14 -11.55 -8.47
CA ALA A 54 3.70 -11.21 -8.50
C ALA A 54 3.23 -10.62 -9.83
N PRO A 55 3.39 -11.27 -10.99
CA PRO A 55 2.94 -10.70 -12.28
C PRO A 55 1.42 -10.64 -12.40
N GLY A 56 0.87 -9.50 -12.84
CA GLY A 56 -0.59 -9.30 -12.99
C GLY A 56 -1.42 -9.04 -11.73
N GLU A 57 -0.76 -9.09 -10.56
CA GLU A 57 -1.47 -8.99 -9.29
C GLU A 57 -1.70 -7.56 -8.90
N VAL A 58 -2.76 -7.35 -8.10
CA VAL A 58 -2.96 -6.10 -7.41
C VAL A 58 -2.02 -6.03 -6.21
N CYS A 59 -1.13 -5.04 -6.20
CA CYS A 59 -0.09 -4.88 -5.16
C CYS A 59 0.07 -3.39 -4.80
N PHE A 60 0.52 -3.13 -3.58
CA PHE A 60 1.00 -1.80 -3.27
C PHE A 60 2.37 -1.55 -4.02
N PRO A 61 2.66 -0.28 -4.28
CA PRO A 61 4.00 0.02 -4.86
C PRO A 61 5.06 -0.47 -3.91
N GLY A 62 6.16 -1.02 -4.44
CA GLY A 62 7.19 -1.50 -3.54
C GLY A 62 8.13 -2.39 -4.28
N GLY A 63 9.14 -2.87 -3.55
CA GLY A 63 10.06 -3.84 -4.10
C GLY A 63 11.21 -4.17 -3.17
N LYS A 64 12.27 -4.75 -3.77
CA LYS A 64 13.38 -5.31 -3.01
C LYS A 64 14.35 -4.21 -2.59
N ARG A 65 14.84 -4.28 -1.36
CA ARG A 65 15.79 -3.31 -0.88
C ARG A 65 17.08 -3.49 -1.72
N ASP A 66 17.69 -2.37 -2.00
CA ASP A 66 19.04 -2.41 -2.68
C ASP A 66 20.03 -1.61 -1.87
N PRO A 67 21.36 -1.76 -2.24
CA PRO A 67 22.34 -1.19 -1.36
C PRO A 67 22.28 0.29 -1.22
N THR A 68 21.66 0.99 -2.18
CA THR A 68 21.60 2.46 -2.12
C THR A 68 20.65 2.97 -1.03
N ASP A 69 19.72 2.12 -0.62
CA ASP A 69 18.62 2.59 0.28
C ASP A 69 19.18 2.88 1.67
N MET A 70 18.98 4.09 2.17
CA MET A 70 19.38 4.45 3.53
C MET A 70 18.68 3.63 4.62
N ASP A 71 17.45 3.22 4.32
CA ASP A 71 16.63 2.46 5.29
C ASP A 71 15.48 1.84 4.49
N ASP A 72 14.59 1.11 5.21
CA ASP A 72 13.47 0.41 4.58
C ASP A 72 12.41 1.34 3.98
N ALA A 73 12.25 2.50 4.57
CA ALA A 73 11.33 3.52 4.03
C ALA A 73 11.87 3.99 2.68
N ALA A 74 13.21 4.16 2.56
CA ALA A 74 13.76 4.60 1.29
C ALA A 74 13.46 3.59 0.17
N THR A 75 13.51 2.30 0.48
CA THR A 75 13.14 1.28 -0.48
C THR A 75 11.78 1.52 -1.06
N ALA A 76 10.81 1.68 -0.11
CA ALA A 76 9.44 1.95 -0.55
C ALA A 76 9.30 3.16 -1.48
N LEU A 77 9.96 4.26 -1.14
CA LEU A 77 9.88 5.49 -1.91
C LEU A 77 10.56 5.40 -3.26
N ARG A 78 11.73 4.76 -3.31
CA ARG A 78 12.47 4.55 -4.58
C ARG A 78 11.63 3.75 -5.57
N GLU A 79 11.01 2.67 -5.03
CA GLU A 79 10.21 1.77 -5.85
C GLU A 79 8.93 2.46 -6.28
N ALA A 80 8.28 3.21 -5.39
CA ALA A 80 7.09 3.96 -5.81
C ALA A 80 7.40 5.03 -6.91
N GLN A 81 8.56 5.66 -6.83
CA GLN A 81 8.93 6.61 -7.86
C GLN A 81 9.10 5.89 -9.20
N GLU A 82 9.81 4.78 -9.16
CA GLU A 82 10.04 4.00 -10.37
C GLU A 82 8.74 3.47 -10.99
N GLU A 83 7.78 3.07 -10.15
CA GLU A 83 6.57 2.44 -10.65
C GLU A 83 5.49 3.42 -11.10
N VAL A 84 5.27 4.47 -10.31
CA VAL A 84 4.12 5.38 -10.57
C VAL A 84 4.47 6.86 -10.61
N GLY A 85 5.77 7.18 -10.53
CA GLY A 85 6.24 8.55 -10.65
C GLY A 85 6.13 9.38 -9.38
N LEU A 86 5.79 8.74 -8.26
CA LEU A 86 5.70 9.44 -7.00
C LEU A 86 7.08 9.91 -6.53
N ARG A 87 7.26 11.22 -6.42
CA ARG A 87 8.54 11.76 -5.94
C ARG A 87 8.57 11.91 -4.44
N HIS A 89 9.25 14.22 -2.26
CA HIS A 89 8.58 15.40 -1.71
C HIS A 89 7.03 15.34 -1.78
N GLN A 90 6.49 14.37 -2.50
CA GLN A 90 5.03 14.23 -2.65
C GLN A 90 4.45 13.26 -1.64
N VAL A 91 5.29 12.75 -0.74
CA VAL A 91 4.89 11.78 0.25
C VAL A 91 5.42 12.05 1.64
N GLU A 92 4.50 11.99 2.63
CA GLU A 92 4.90 12.02 4.03
C GLU A 92 4.76 10.63 4.59
N VAL A 93 5.88 10.01 4.93
CA VAL A 93 5.88 8.71 5.56
C VAL A 93 5.52 8.87 7.05
N VAL A 94 4.39 8.25 7.44
CA VAL A 94 3.80 8.47 8.73
C VAL A 94 4.21 7.38 9.69
N CYS A 96 5.56 2.89 10.11
CA CYS A 96 5.89 1.58 9.67
C CYS A 96 5.00 0.57 10.42
N LEU A 97 4.19 -0.18 9.67
CA LEU A 97 3.25 -1.15 10.28
C LEU A 97 3.93 -2.51 10.40
N VAL A 98 3.18 -3.45 10.96
CA VAL A 98 3.65 -4.81 11.17
C VAL A 98 4.24 -5.42 9.94
N PRO A 99 5.46 -5.93 10.04
CA PRO A 99 5.97 -6.56 8.82
C PRO A 99 5.36 -7.92 8.56
N CYS A 100 5.47 -8.35 7.33
N CYS A 100 5.27 -8.28 7.28
CA CYS A 100 4.84 -9.53 6.83
CA CYS A 100 4.82 -9.60 6.82
C CYS A 100 5.92 -10.58 6.46
C CYS A 100 6.03 -10.49 6.65
N LEU A 101 5.93 -11.70 7.19
CA LEU A 101 6.93 -12.76 6.96
C LEU A 101 6.44 -13.66 5.86
N ILE A 102 7.25 -13.93 4.84
CA ILE A 102 6.84 -14.94 3.87
C ILE A 102 8.01 -15.83 3.44
N ASP A 103 7.67 -17.01 2.93
CA ASP A 103 8.61 -17.96 2.33
C ASP A 103 9.78 -18.38 3.24
N THR A 104 9.64 -18.20 4.55
CA THR A 104 10.63 -18.51 5.59
C THR A 104 11.86 -17.60 5.64
N ASP A 105 12.18 -16.89 4.55
CA ASP A 105 13.41 -16.08 4.48
C ASP A 105 13.18 -14.64 4.00
N THR A 106 11.92 -14.19 3.96
CA THR A 106 11.60 -12.91 3.40
C THR A 106 10.76 -12.11 4.38
N LEU A 107 11.11 -10.84 4.48
CA LEU A 107 10.38 -9.87 5.29
C LEU A 107 9.98 -8.65 4.48
N ILE A 108 8.66 -8.43 4.41
CA ILE A 108 8.13 -7.28 3.73
C ILE A 108 7.66 -6.25 4.75
N THR A 109 8.25 -5.08 4.68
CA THR A 109 7.99 -3.98 5.59
C THR A 109 7.06 -2.93 4.95
N PRO A 110 5.85 -2.74 5.53
CA PRO A 110 4.94 -1.76 5.00
C PRO A 110 5.02 -0.37 5.67
N PHE A 111 5.01 0.68 4.87
CA PHE A 111 5.04 2.03 5.32
C PHE A 111 3.77 2.71 4.83
N VAL A 112 3.10 3.44 5.74
CA VAL A 112 1.98 4.26 5.32
C VAL A 112 2.46 5.67 5.04
N GLY A 113 2.07 6.16 3.88
CA GLY A 113 2.40 7.49 3.47
C GLY A 113 1.20 8.30 3.03
N LEU A 114 1.16 9.56 3.43
CA LEU A 114 0.17 10.53 2.95
C LEU A 114 0.68 11.21 1.66
N ILE A 115 -0.14 11.18 0.62
CA ILE A 115 0.22 11.60 -0.74
C ILE A 115 -0.27 12.99 -0.98
N ASP A 116 0.61 13.86 -1.45
CA ASP A 116 0.24 15.18 -1.86
C ASP A 116 -0.93 15.25 -2.85
N HIS A 117 -1.80 16.23 -2.66
CA HIS A 117 -2.99 16.33 -3.52
C HIS A 117 -2.70 16.71 -4.96
N ASN A 118 -1.51 17.27 -5.28
CA ASN A 118 -1.17 17.51 -6.67
C ASN A 118 -0.49 16.34 -7.38
N PHE A 119 -0.21 15.25 -6.68
CA PHE A 119 0.34 14.07 -7.35
C PHE A 119 -0.62 13.46 -8.38
N GLN A 120 -0.10 13.23 -9.60
CA GLN A 120 -0.85 12.50 -10.63
C GLN A 120 -0.01 11.33 -11.05
N ALA A 121 -0.57 10.12 -10.90
CA ALA A 121 0.17 8.91 -11.29
C ALA A 121 0.62 8.94 -12.74
N GLN A 122 1.83 8.47 -12.95
CA GLN A 122 2.36 8.21 -14.27
C GLN A 122 2.84 6.76 -14.29
N PRO A 123 1.93 5.83 -14.62
CA PRO A 123 2.20 4.42 -14.60
C PRO A 123 3.38 4.11 -15.53
N ASN A 124 4.39 3.43 -15.01
CA ASN A 124 5.52 2.97 -15.83
C ASN A 124 5.16 1.60 -16.43
N PRO A 125 4.87 1.55 -17.75
CA PRO A 125 4.33 0.29 -18.30
C PRO A 125 5.26 -0.91 -18.23
N ALA A 126 6.57 -0.70 -17.99
CA ALA A 126 7.48 -1.82 -17.77
C ALA A 126 7.27 -2.51 -16.42
N GLU A 127 6.65 -1.80 -15.46
CA GLU A 127 6.45 -2.27 -14.08
C GLU A 127 4.96 -2.51 -13.76
N VAL A 128 4.10 -1.61 -14.26
CA VAL A 128 2.70 -1.51 -13.82
C VAL A 128 1.80 -1.40 -15.05
N LYS A 129 0.81 -2.29 -15.12
CA LYS A 129 -0.27 -2.25 -16.10
C LYS A 129 -1.38 -1.24 -15.75
N ASP A 130 -1.55 -0.94 -14.49
CA ASP A 130 -2.61 -0.02 -14.06
C ASP A 130 -2.28 0.53 -12.68
N VAL A 131 -2.83 1.69 -12.37
CA VAL A 131 -2.75 2.28 -11.04
C VAL A 131 -4.20 2.71 -10.73
N PHE A 132 -4.69 2.42 -9.54
CA PHE A 132 -6.10 2.80 -9.20
C PHE A 132 -6.29 3.08 -7.71
N LEU A 133 -7.37 3.81 -7.41
CA LEU A 133 -7.73 4.14 -6.02
C LEU A 133 -8.91 3.33 -5.55
N VAL A 134 -8.89 2.97 -4.27
CA VAL A 134 -10.07 2.41 -3.60
C VAL A 134 -10.35 3.22 -2.34
N PRO A 135 -11.63 3.62 -2.13
CA PRO A 135 -11.89 4.28 -0.88
C PRO A 135 -11.53 3.38 0.30
N LEU A 136 -10.94 3.96 1.34
CA LEU A 136 -10.54 3.21 2.48
C LEU A 136 -11.76 2.54 3.16
N ALA A 137 -12.88 3.25 3.17
CA ALA A 137 -14.12 2.67 3.76
C ALA A 137 -14.60 1.35 3.12
N TYR A 138 -14.29 1.14 1.85
CA TYR A 138 -14.64 -0.10 1.18
C TYR A 138 -14.19 -1.31 1.94
N PHE A 139 -13.02 -1.22 2.58
CA PHE A 139 -12.45 -2.37 3.24
C PHE A 139 -13.15 -2.76 4.53
N LEU A 140 -14.09 -1.92 4.99
CA LEU A 140 -14.95 -2.28 6.11
C LEU A 140 -16.11 -3.07 5.65
N HIS A 141 -16.50 -2.93 4.39
CA HIS A 141 -17.67 -3.68 3.86
C HIS A 141 -17.38 -4.16 2.48
N PRO A 142 -16.41 -5.04 2.36
CA PRO A 142 -15.99 -5.40 1.00
C PRO A 142 -16.93 -6.39 0.33
N GLN A 143 -16.85 -6.47 -0.98
CA GLN A 143 -17.51 -7.53 -1.73
C GLN A 143 -16.54 -8.75 -1.88
N VAL A 144 -16.85 -9.81 -1.12
CA VAL A 144 -16.02 -10.99 -0.96
C VAL A 144 -16.45 -12.11 -1.91
N HIS A 145 -15.47 -12.73 -2.56
CA HIS A 145 -15.65 -13.91 -3.40
C HIS A 145 -14.62 -14.94 -2.98
N ASP A 146 -15.03 -16.19 -2.89
CA ASP A 146 -14.14 -17.26 -2.39
C ASP A 146 -13.62 -18.15 -3.51
N GLN A 147 -12.29 -18.37 -3.57
CA GLN A 147 -11.67 -19.18 -4.63
C GLN A 147 -11.65 -20.66 -4.26
N ASN A 159 -10.18 -19.67 -0.14
CA ASN A 159 -9.63 -18.38 0.30
C ASN A 159 -10.42 -17.16 -0.23
N HIS A 160 -10.24 -16.03 0.46
CA HIS A 160 -11.06 -14.83 0.26
C HIS A 160 -10.43 -13.79 -0.65
N ILE A 161 -11.23 -13.30 -1.60
CA ILE A 161 -10.83 -12.31 -2.59
C ILE A 161 -11.84 -11.16 -2.51
N PHE A 162 -11.36 -9.92 -2.52
CA PHE A 162 -12.21 -8.75 -2.66
C PHE A 162 -12.37 -8.34 -4.12
N GLU A 163 -13.61 -8.05 -4.55
CA GLU A 163 -13.85 -7.41 -5.85
C GLU A 163 -14.29 -5.97 -5.64
N TYR A 164 -13.61 -5.07 -6.30
CA TYR A 164 -13.91 -3.66 -6.22
C TYR A 164 -14.15 -3.18 -7.62
N THR A 165 -15.28 -2.52 -7.76
CA THR A 165 -15.73 -2.02 -9.03
C THR A 165 -15.63 -0.51 -8.94
N ASN A 166 -14.78 0.08 -9.77
CA ASN A 166 -14.65 1.53 -9.83
C ASN A 166 -15.89 2.19 -10.50
N PRO A 167 -16.70 2.94 -9.72
CA PRO A 167 -17.90 3.54 -10.34
C PRO A 167 -17.62 4.63 -11.40
N GLU A 168 -16.41 5.14 -11.46
CA GLU A 168 -16.01 6.00 -12.59
C GLU A 168 -16.11 5.31 -13.94
N ASP A 169 -15.72 4.01 -14.01
CA ASP A 169 -15.69 3.25 -15.28
C ASP A 169 -16.21 1.80 -15.30
N GLY A 170 -16.67 1.28 -14.18
CA GLY A 170 -17.23 -0.10 -14.14
C GLY A 170 -16.20 -1.20 -14.10
N VAL A 171 -14.93 -0.83 -14.05
CA VAL A 171 -13.88 -1.85 -14.06
C VAL A 171 -13.77 -2.51 -12.72
N THR A 172 -13.72 -3.84 -12.74
CA THR A 172 -13.57 -4.60 -11.52
C THR A 172 -12.09 -5.08 -11.33
N TYR A 173 -11.62 -4.88 -10.11
CA TYR A 173 -10.32 -5.30 -9.66
C TYR A 173 -10.49 -6.35 -8.55
N GLN A 174 -9.61 -7.34 -8.57
CA GLN A 174 -9.49 -8.36 -7.53
C GLN A 174 -8.30 -8.07 -6.65
N ILE A 175 -8.55 -8.00 -5.34
CA ILE A 175 -7.53 -7.69 -4.34
C ILE A 175 -7.51 -8.85 -3.37
N LYS A 176 -6.33 -9.39 -3.12
CA LYS A 176 -6.19 -10.58 -2.32
C LYS A 176 -4.90 -10.59 -1.54
N GLY A 177 -4.77 -11.61 -0.71
CA GLY A 177 -3.55 -11.93 0.05
C GLY A 177 -3.11 -10.81 0.97
N MET A 178 -1.81 -10.66 1.09
CA MET A 178 -1.23 -9.61 1.95
C MET A 178 -1.72 -8.22 1.63
N THR A 179 -1.89 -7.93 0.35
CA THR A 179 -2.35 -6.61 -0.08
C THR A 179 -3.75 -6.32 0.51
N ALA A 180 -4.65 -7.27 0.36
CA ALA A 180 -6.05 -7.13 0.96
C ALA A 180 -5.96 -7.04 2.49
N ASN A 181 -5.13 -7.88 3.10
N ASN A 181 -5.14 -7.88 3.11
CA ASN A 181 -4.95 -7.87 4.55
CA ASN A 181 -4.96 -7.86 4.57
C ASN A 181 -4.46 -6.54 5.10
C ASN A 181 -4.50 -6.50 5.07
N LEU A 182 -3.46 -5.93 4.44
CA LEU A 182 -2.94 -4.63 4.84
C LEU A 182 -4.02 -3.51 4.69
N ALA A 183 -4.78 -3.58 3.62
CA ALA A 183 -5.77 -2.53 3.28
C ALA A 183 -6.84 -2.54 4.41
N VAL A 184 -7.17 -3.75 4.85
CA VAL A 184 -8.15 -3.91 5.99
C VAL A 184 -7.58 -3.34 7.28
N LEU A 185 -6.31 -3.65 7.57
CA LEU A 185 -5.66 -3.13 8.73
C LEU A 185 -5.67 -1.59 8.78
N VAL A 186 -5.28 -0.96 7.68
CA VAL A 186 -5.21 0.48 7.59
C VAL A 186 -6.64 1.07 7.78
N ALA A 187 -7.61 0.43 7.17
CA ALA A 187 -9.03 0.90 7.30
C ALA A 187 -9.46 0.86 8.80
N PHE A 188 -9.16 -0.25 9.46
CA PHE A 188 -9.49 -0.37 10.91
C PHE A 188 -8.79 0.70 11.72
N ILE A 189 -7.47 0.88 11.49
CA ILE A 189 -6.74 1.84 12.26
C ILE A 189 -7.29 3.26 12.18
N ILE A 190 -7.58 3.68 10.97
CA ILE A 190 -7.91 5.04 10.72
C ILE A 190 -9.44 5.29 10.98
N LEU A 191 -10.26 4.31 10.62
CA LEU A 191 -11.74 4.55 10.54
C LEU A 191 -12.48 4.03 11.70
N GLU A 192 -11.88 3.21 12.54
CA GLU A 192 -12.69 2.68 13.68
C GLU A 192 -13.07 3.76 14.68
N LYS A 193 -14.26 3.58 15.28
CA LYS A 193 -14.68 4.43 16.37
C LYS A 193 -14.54 5.90 16.04
N LYS A 194 -15.30 6.36 15.06
CA LYS A 194 -15.33 7.77 14.67
C LYS A 194 -16.76 8.30 14.64
N PRO A 195 -16.99 9.51 15.21
CA PRO A 195 -18.29 10.20 15.01
C PRO A 195 -18.56 10.55 13.53
N THR A 196 -19.83 10.64 13.12
CA THR A 196 -20.21 10.97 11.73
C THR A 196 -20.67 12.44 11.52
#